data_8U36
#
_entry.id   8U36
#
_cell.length_a   77.287
_cell.length_b   89.291
_cell.length_c   95.803
_cell.angle_alpha   90.00
_cell.angle_beta   90.00
_cell.angle_gamma   90.00
#
_symmetry.space_group_name_H-M   'P 21 21 21'
#
loop_
_entity.id
_entity.type
_entity.pdbx_description
1 polymer 'Importin subunit alpha-1'
2 polymer PVII
3 non-polymer 'SODIUM ION'
4 water water
#
loop_
_entity_poly.entity_id
_entity_poly.type
_entity_poly.pdbx_seq_one_letter_code
_entity_poly.pdbx_strand_id
1 'polypeptide(L)'
;MHHHHHHSSGLVPRGSGMLETAAALFERNHMDSPDLGTDDDDLAMADIGSNQGTVNWSVEDIVKGINSNNLESQLQATQA
ARKLLSREKQPPIDNIIRAGLIPKFVSFLGKTDCSPIQFESAWALTNIASGTSEQTKAVVDGGAIPAFISLLASPHAHIS
EQAVWALGNIAGDGSAFRDLVIKHGAIDPLLALLAVPDLSTLACGYLRNLTWTLSNLCRNKNPAPPLDAVEQILPTLVRL
LHHNDPEVLADSCWAISYLTDGPNERIEMVVKKGVVPQLVKLLGATELPIVTPALRAIGNIVTGTDEQTQKVIDAGALAV
FPSLLTNPKTNIQKEATWTMSNITAGRQDQIQQVVNHGLVPFLVGVLSKADFKTQKEAAWAITNYTSGGTVEQIVYLVHC
GIIEPLMNLLSAKDTKIIQVILDAISNIFQAAEKLGETEKLSIMIEECGGLDKIEALQRHENESVYKASLNLIEKYFSVE
EEEDQNVVPETTSEGFAFQVQDGAPGTFNF
;
A
2 'polypeptide(L)' PPRKRRRVA B,C
#
loop_
_chem_comp.id
_chem_comp.type
_chem_comp.name
_chem_comp.formula
NA non-polymer 'SODIUM ION' 'Na 1'
#
# COMPACT_ATOMS: atom_id res chain seq x y z
N GLY A 53 6.11 -41.56 -7.57
CA GLY A 53 7.31 -42.23 -7.04
C GLY A 53 8.16 -41.29 -6.21
N THR A 54 7.97 -39.98 -6.35
CA THR A 54 8.72 -38.94 -5.60
C THR A 54 7.76 -38.38 -4.53
N VAL A 55 6.77 -39.17 -4.11
CA VAL A 55 5.73 -38.72 -3.14
C VAL A 55 6.05 -39.21 -1.74
N ASN A 56 5.95 -38.33 -0.73
CA ASN A 56 6.16 -38.69 0.70
C ASN A 56 7.53 -39.32 0.93
N TRP A 57 8.60 -38.76 0.34
CA TRP A 57 9.98 -39.25 0.60
C TRP A 57 10.41 -38.78 1.97
N SER A 58 11.39 -39.45 2.59
CA SER A 58 11.98 -38.99 3.86
C SER A 58 13.10 -38.01 3.49
N VAL A 59 13.61 -37.22 4.45
CA VAL A 59 14.66 -36.21 4.18
C VAL A 59 15.98 -36.96 4.01
N GLU A 60 16.16 -38.07 4.74
CA GLU A 60 17.39 -38.89 4.65
C GLU A 60 17.47 -39.50 3.24
N ASP A 61 16.34 -39.85 2.65
CA ASP A 61 16.27 -40.46 1.31
C ASP A 61 16.58 -39.38 0.27
N ILE A 62 16.03 -38.18 0.42
CA ILE A 62 16.30 -37.04 -0.49
C ILE A 62 17.79 -36.73 -0.40
N VAL A 63 18.39 -36.82 0.79
CA VAL A 63 19.83 -36.52 1.02
C VAL A 63 20.67 -37.60 0.34
N LYS A 64 20.24 -38.86 0.41
CA LYS A 64 20.97 -40.00 -0.19
C LYS A 64 20.97 -39.86 -1.71
N GLY A 65 19.87 -39.39 -2.29
CA GLY A 65 19.75 -39.21 -3.74
C GLY A 65 20.53 -38.02 -4.24
N ILE A 66 20.54 -36.92 -3.50
CA ILE A 66 21.25 -35.68 -3.90
C ILE A 66 22.75 -35.92 -3.68
N ASN A 67 23.11 -36.80 -2.75
CA ASN A 67 24.53 -37.10 -2.42
C ASN A 67 25.09 -38.10 -3.44
N SER A 68 24.24 -38.68 -4.29
CA SER A 68 24.65 -39.62 -5.36
C SER A 68 25.37 -38.84 -6.47
N ASN A 69 26.18 -39.52 -7.27
CA ASN A 69 26.86 -38.89 -8.43
C ASN A 69 26.02 -39.17 -9.68
N ASN A 70 24.71 -39.34 -9.54
CA ASN A 70 23.77 -39.60 -10.67
C ASN A 70 22.80 -38.42 -10.74
N LEU A 71 22.87 -37.59 -11.78
CA LEU A 71 22.04 -36.37 -11.89
C LEU A 71 20.57 -36.76 -11.98
N GLU A 72 20.25 -37.94 -12.52
CA GLU A 72 18.86 -38.43 -12.63
C GLU A 72 18.36 -38.82 -11.23
N SER A 73 19.22 -39.40 -10.40
CA SER A 73 18.89 -39.75 -9.00
C SER A 73 18.76 -38.45 -8.20
N GLN A 74 19.61 -37.46 -8.50
CA GLN A 74 19.60 -36.14 -7.84
C GLN A 74 18.36 -35.38 -8.28
N LEU A 75 17.87 -35.57 -9.50
CA LEU A 75 16.64 -34.93 -10.04
C LEU A 75 15.41 -35.49 -9.33
N GLN A 76 15.38 -36.78 -9.03
CA GLN A 76 14.18 -37.41 -8.42
C GLN A 76 14.12 -37.04 -6.95
N ALA A 77 15.25 -36.82 -6.29
CA ALA A 77 15.29 -36.41 -4.87
C ALA A 77 14.99 -34.92 -4.77
N THR A 78 15.40 -34.13 -5.77
CA THR A 78 15.15 -32.67 -5.81
C THR A 78 13.67 -32.45 -6.11
N GLN A 79 13.01 -33.38 -6.80
CA GLN A 79 11.56 -33.31 -7.09
C GLN A 79 10.79 -33.78 -5.87
N ALA A 80 11.31 -34.71 -5.11
CA ALA A 80 10.68 -35.22 -3.87
C ALA A 80 10.80 -34.14 -2.80
N ALA A 81 11.85 -33.32 -2.87
CA ALA A 81 12.07 -32.19 -1.94
C ALA A 81 11.08 -31.08 -2.25
N ARG A 82 10.84 -30.80 -3.53
CA ARG A 82 9.87 -29.77 -3.98
C ARG A 82 8.48 -30.20 -3.54
N LYS A 83 8.15 -31.48 -3.69
CA LYS A 83 6.80 -32.00 -3.39
C LYS A 83 6.52 -31.90 -1.89
N LEU A 84 7.54 -32.07 -1.04
CA LEU A 84 7.40 -31.94 0.43
C LEU A 84 7.26 -30.46 0.79
N LEU A 85 7.97 -29.58 0.11
CA LEU A 85 7.96 -28.13 0.40
C LEU A 85 6.78 -27.44 -0.31
N SER A 86 6.05 -28.13 -1.18
CA SER A 86 4.85 -27.61 -1.88
C SER A 86 3.58 -28.13 -1.22
N ARG A 87 3.71 -28.95 -0.17
CA ARG A 87 2.55 -29.54 0.54
C ARG A 87 1.76 -28.42 1.22
N GLU A 88 0.45 -28.55 1.35
CA GLU A 88 -0.44 -27.48 1.87
C GLU A 88 -0.14 -27.13 3.31
N LYS A 89 0.36 -28.04 4.13
CA LYS A 89 0.52 -27.78 5.58
C LYS A 89 1.90 -28.18 6.09
N GLN A 90 2.48 -27.36 6.96
CA GLN A 90 3.77 -27.67 7.63
C GLN A 90 4.84 -28.09 6.62
N PRO A 91 5.20 -27.26 5.62
CA PRO A 91 6.30 -27.59 4.74
C PRO A 91 7.56 -27.74 5.62
N PRO A 92 8.39 -28.79 5.46
CA PRO A 92 9.54 -29.02 6.33
C PRO A 92 10.75 -28.17 5.91
N ILE A 93 10.60 -26.86 5.87
CA ILE A 93 11.66 -25.93 5.38
C ILE A 93 12.89 -26.05 6.27
N ASP A 94 12.73 -26.13 7.59
CA ASP A 94 13.86 -26.17 8.54
C ASP A 94 14.59 -27.51 8.44
N ASN A 95 13.87 -28.61 8.23
CA ASN A 95 14.48 -29.96 8.10
C ASN A 95 15.30 -30.04 6.83
N ILE A 96 14.85 -29.40 5.75
CA ILE A 96 15.58 -29.38 4.44
C ILE A 96 16.83 -28.52 4.62
N ILE A 97 16.72 -27.40 5.33
CA ILE A 97 17.89 -26.52 5.60
C ILE A 97 18.85 -27.27 6.52
N ARG A 98 18.40 -27.94 7.57
CA ARG A 98 19.33 -28.63 8.50
C ARG A 98 20.06 -29.75 7.75
N ALA A 99 19.46 -30.32 6.71
CA ALA A 99 20.05 -31.45 5.94
C ALA A 99 21.22 -30.97 5.06
N GLY A 100 21.38 -29.66 4.84
CA GLY A 100 22.47 -29.09 4.03
C GLY A 100 22.19 -29.18 2.54
N LEU A 101 20.94 -29.02 2.13
CA LEU A 101 20.53 -29.23 0.71
C LEU A 101 20.60 -27.93 -0.11
N ILE A 102 20.49 -26.75 0.52
CA ILE A 102 20.44 -25.46 -0.23
C ILE A 102 21.67 -25.38 -1.14
N PRO A 103 22.90 -25.63 -0.67
CA PRO A 103 24.07 -25.57 -1.53
C PRO A 103 23.97 -26.46 -2.78
N LYS A 104 23.43 -27.68 -2.65
CA LYS A 104 23.30 -28.63 -3.78
C LYS A 104 22.19 -28.14 -4.72
N PHE A 105 21.12 -27.57 -4.18
CA PHE A 105 20.00 -27.02 -4.98
C PHE A 105 20.50 -25.82 -5.78
N VAL A 106 21.41 -25.00 -5.22
CA VAL A 106 21.90 -23.78 -5.89
C VAL A 106 22.85 -24.19 -7.02
N SER A 107 23.58 -25.30 -6.87
CA SER A 107 24.42 -25.77 -7.96
C SER A 107 23.58 -26.37 -9.08
N PHE A 108 22.44 -26.96 -8.72
CA PHE A 108 21.51 -27.55 -9.70
C PHE A 108 20.87 -26.43 -10.51
N LEU A 109 20.83 -25.19 -10.04
CA LEU A 109 20.28 -24.07 -10.82
C LEU A 109 21.15 -23.84 -12.07
N GLY A 110 22.42 -24.26 -12.07
CA GLY A 110 23.35 -24.03 -13.15
C GLY A 110 23.40 -25.12 -14.18
N LYS A 111 22.66 -26.21 -13.96
CA LYS A 111 22.66 -27.40 -14.85
C LYS A 111 21.84 -27.13 -16.12
N THR A 112 22.41 -26.44 -17.10
CA THR A 112 21.73 -26.08 -18.36
C THR A 112 21.26 -27.34 -19.08
N ASP A 113 22.01 -28.43 -19.02
CA ASP A 113 21.70 -29.69 -19.75
C ASP A 113 20.61 -30.48 -19.02
N CYS A 114 20.29 -30.18 -17.76
CA CYS A 114 19.16 -30.83 -17.04
C CYS A 114 18.19 -29.72 -16.63
N SER A 115 17.41 -29.22 -17.57
CA SER A 115 16.39 -28.16 -17.33
C SER A 115 15.43 -28.64 -16.24
N PRO A 116 15.08 -29.94 -16.15
CA PRO A 116 14.21 -30.41 -15.08
C PRO A 116 14.78 -30.15 -13.67
N ILE A 117 16.07 -30.40 -13.42
CA ILE A 117 16.67 -30.24 -12.06
C ILE A 117 16.74 -28.75 -11.75
N GLN A 118 16.85 -27.89 -12.76
CA GLN A 118 16.88 -26.42 -12.59
C GLN A 118 15.50 -25.95 -12.13
N PHE A 119 14.44 -26.48 -12.71
CA PHE A 119 13.04 -26.11 -12.36
C PHE A 119 12.71 -26.62 -10.97
N GLU A 120 13.08 -27.87 -10.67
CA GLU A 120 12.78 -28.51 -9.37
C GLU A 120 13.57 -27.79 -8.27
N SER A 121 14.82 -27.42 -8.55
CA SER A 121 15.70 -26.71 -7.59
C SER A 121 15.18 -25.29 -7.37
N ALA A 122 14.67 -24.63 -8.40
CA ALA A 122 14.14 -23.26 -8.32
C ALA A 122 12.85 -23.27 -7.51
N TRP A 123 12.01 -24.28 -7.71
CA TRP A 123 10.73 -24.39 -6.96
C TRP A 123 11.04 -24.65 -5.50
N ALA A 124 11.97 -25.54 -5.21
CA ALA A 124 12.32 -25.92 -3.82
C ALA A 124 12.94 -24.72 -3.12
N LEU A 125 13.84 -24.00 -3.78
CA LEU A 125 14.55 -22.84 -3.19
C LEU A 125 13.58 -21.66 -3.09
N THR A 126 12.60 -21.55 -3.98
CA THR A 126 11.55 -20.50 -3.94
C THR A 126 10.72 -20.71 -2.67
N ASN A 127 10.40 -21.96 -2.34
CA ASN A 127 9.54 -22.27 -1.16
C ASN A 127 10.32 -22.13 0.16
N ILE A 128 11.62 -22.37 0.20
CA ILE A 128 12.44 -22.12 1.41
C ILE A 128 12.49 -20.61 1.64
N ALA A 129 12.63 -19.82 0.57
CA ALA A 129 12.69 -18.33 0.64
C ALA A 129 11.29 -17.75 0.89
N SER A 130 10.25 -18.57 0.79
CA SER A 130 8.85 -18.15 1.06
C SER A 130 8.65 -18.04 2.56
N GLY A 131 9.55 -18.61 3.36
CA GLY A 131 9.38 -18.65 4.82
C GLY A 131 9.95 -17.48 5.58
N THR A 132 10.57 -17.74 6.72
CA THR A 132 11.09 -16.70 7.64
C THR A 132 12.28 -15.97 7.03
N SER A 133 12.64 -14.81 7.56
CA SER A 133 13.81 -14.04 7.10
C SER A 133 15.03 -14.92 7.24
N GLU A 134 15.08 -15.73 8.29
CA GLU A 134 16.12 -16.73 8.47
C GLU A 134 16.15 -17.74 7.34
N GLN A 135 14.98 -18.18 6.86
CA GLN A 135 14.91 -19.22 5.80
C GLN A 135 15.27 -18.57 4.47
N THR A 136 14.89 -17.31 4.26
CA THR A 136 15.21 -16.55 3.02
C THR A 136 16.71 -16.26 3.03
N LYS A 137 17.31 -16.08 4.19
CA LYS A 137 18.75 -15.75 4.31
C LYS A 137 19.57 -16.99 3.97
N ALA A 138 19.10 -18.17 4.38
CA ALA A 138 19.83 -19.40 4.04
C ALA A 138 19.90 -19.59 2.53
N VAL A 139 18.80 -19.24 1.82
CA VAL A 139 18.83 -19.24 0.34
C VAL A 139 19.83 -18.21 -0.21
N VAL A 140 19.83 -16.98 0.29
CA VAL A 140 20.73 -15.92 -0.25
C VAL A 140 22.19 -16.31 0.08
N ASP A 141 22.43 -16.97 1.20
CA ASP A 141 23.80 -17.35 1.66
C ASP A 141 24.34 -18.53 0.87
N GLY A 142 23.49 -19.26 0.13
CA GLY A 142 23.90 -20.39 -0.72
C GLY A 142 24.36 -19.95 -2.10
N GLY A 143 24.37 -18.65 -2.38
CA GLY A 143 24.74 -18.12 -3.67
C GLY A 143 23.59 -18.09 -4.66
N ALA A 144 22.33 -18.17 -4.15
CA ALA A 144 21.14 -18.34 -4.97
C ALA A 144 20.91 -17.16 -5.90
N ILE A 145 21.13 -15.91 -5.41
CA ILE A 145 20.77 -14.72 -6.20
C ILE A 145 21.46 -14.66 -7.55
N PRO A 146 22.74 -14.85 -7.68
CA PRO A 146 23.31 -14.78 -9.05
C PRO A 146 22.78 -15.90 -9.92
N ALA A 147 22.55 -17.05 -9.30
CA ALA A 147 22.11 -18.23 -10.03
C ALA A 147 20.68 -18.05 -10.55
N PHE A 148 19.83 -17.36 -9.80
CA PHE A 148 18.44 -17.08 -10.22
C PHE A 148 18.45 -15.99 -11.28
N ILE A 149 19.47 -15.13 -11.32
CA ILE A 149 19.48 -14.07 -12.31
C ILE A 149 19.93 -14.60 -13.67
N SER A 150 20.85 -15.57 -13.68
CA SER A 150 21.17 -16.28 -14.91
C SER A 150 19.96 -17.02 -15.46
N LEU A 151 19.16 -17.63 -14.58
CA LEU A 151 18.00 -18.45 -15.00
C LEU A 151 16.91 -17.57 -15.60
N LEU A 152 16.94 -16.25 -15.40
CA LEU A 152 16.03 -15.33 -16.09
C LEU A 152 16.21 -15.40 -17.60
N ALA A 153 17.42 -15.68 -18.10
CA ALA A 153 17.62 -15.86 -19.53
C ALA A 153 17.35 -17.33 -20.03
N SER A 154 16.66 -18.15 -19.25
CA SER A 154 16.38 -19.55 -19.66
C SER A 154 15.46 -19.59 -20.88
N PRO A 155 15.77 -20.35 -21.94
CA PRO A 155 14.78 -20.58 -23.01
C PRO A 155 13.47 -21.18 -22.53
N HIS A 156 13.50 -21.91 -21.42
CA HIS A 156 12.28 -22.51 -20.83
C HIS A 156 11.57 -21.42 -20.04
N ALA A 157 10.30 -21.14 -20.32
CA ALA A 157 9.51 -20.09 -19.65
C ALA A 157 9.14 -20.50 -18.23
N HIS A 158 8.94 -21.79 -17.98
CA HIS A 158 8.54 -22.31 -16.65
C HIS A 158 9.71 -22.17 -15.69
N ILE A 159 10.95 -22.26 -16.17
CA ILE A 159 12.16 -22.14 -15.33
C ILE A 159 12.41 -20.65 -15.11
N SER A 160 12.28 -19.85 -16.16
CA SER A 160 12.47 -18.39 -16.10
C SER A 160 11.46 -17.81 -15.13
N GLU A 161 10.22 -18.32 -15.14
CA GLU A 161 9.13 -17.85 -14.25
C GLU A 161 9.44 -18.20 -12.80
N GLN A 162 10.07 -19.35 -12.53
CA GLN A 162 10.36 -19.81 -11.16
C GLN A 162 11.51 -18.96 -10.62
N ALA A 163 12.41 -18.52 -11.49
CA ALA A 163 13.54 -17.64 -11.10
C ALA A 163 12.97 -16.28 -10.75
N VAL A 164 11.89 -15.86 -11.41
CA VAL A 164 11.28 -14.59 -11.13
C VAL A 164 10.63 -14.63 -9.76
N TRP A 165 9.85 -15.70 -9.55
CA TRP A 165 9.15 -15.92 -8.26
C TRP A 165 10.17 -15.92 -7.14
N ALA A 166 11.26 -16.66 -7.27
CA ALA A 166 12.33 -16.80 -6.25
C ALA A 166 12.85 -15.42 -5.89
N LEU A 167 13.37 -14.69 -6.86
CA LEU A 167 13.79 -13.29 -6.72
C LEU A 167 12.73 -12.45 -6.01
N GLY A 168 11.45 -12.69 -6.29
CA GLY A 168 10.44 -11.93 -5.60
C GLY A 168 10.41 -12.21 -4.10
N ASN A 169 10.56 -13.48 -3.73
CA ASN A 169 10.61 -13.82 -2.31
C ASN A 169 11.85 -13.22 -1.65
N ILE A 170 13.01 -13.28 -2.29
CA ILE A 170 14.27 -12.73 -1.71
C ILE A 170 14.10 -11.23 -1.48
N ALA A 171 13.64 -10.46 -2.47
CA ALA A 171 13.46 -8.99 -2.39
C ALA A 171 12.34 -8.63 -1.40
N GLY A 172 11.37 -9.52 -1.19
CA GLY A 172 10.22 -9.28 -0.31
C GLY A 172 10.59 -9.39 1.16
N ASP A 173 11.72 -9.99 1.48
CA ASP A 173 12.19 -10.13 2.88
C ASP A 173 12.42 -8.74 3.46
N GLY A 174 13.05 -7.84 2.71
CA GLY A 174 13.37 -6.50 3.20
C GLY A 174 14.18 -5.67 2.24
N SER A 175 14.55 -4.47 2.63
CA SER A 175 15.28 -3.49 1.78
C SER A 175 16.70 -3.98 1.48
N ALA A 176 17.34 -4.67 2.41
CA ALA A 176 18.74 -5.13 2.25
C ALA A 176 18.84 -6.21 1.18
N PHE A 177 17.95 -7.19 1.17
CA PHE A 177 17.94 -8.30 0.18
C PHE A 177 17.27 -7.79 -1.09
N ARG A 178 16.42 -6.77 -0.99
CA ARG A 178 15.82 -6.13 -2.19
C ARG A 178 16.95 -5.40 -2.90
N ASP A 179 17.80 -4.73 -2.13
CA ASP A 179 18.88 -3.91 -2.70
C ASP A 179 20.02 -4.81 -3.15
N LEU A 180 20.19 -5.99 -2.54
CA LEU A 180 21.21 -6.94 -3.05
C LEU A 180 20.76 -7.63 -4.36
N VAL A 181 19.47 -7.92 -4.47
CA VAL A 181 18.99 -8.37 -5.77
C VAL A 181 19.26 -7.32 -6.86
N ILE A 182 18.99 -6.06 -6.57
CA ILE A 182 19.18 -4.98 -7.56
C ILE A 182 20.68 -4.84 -7.84
N LYS A 183 21.56 -5.04 -6.86
CA LYS A 183 23.01 -4.91 -7.10
C LYS A 183 23.56 -6.06 -7.95
N HIS A 184 23.01 -7.25 -7.81
CA HIS A 184 23.46 -8.37 -8.62
C HIS A 184 22.96 -8.26 -10.05
N GLY A 185 22.20 -7.17 -10.42
CA GLY A 185 21.74 -6.85 -11.77
C GLY A 185 20.44 -7.51 -12.24
N ALA A 186 19.46 -7.67 -11.33
CA ALA A 186 18.25 -8.41 -11.69
C ALA A 186 17.34 -7.60 -12.64
N ILE A 187 17.30 -6.29 -12.50
CA ILE A 187 16.37 -5.45 -13.22
C ILE A 187 16.51 -5.59 -14.74
N ASP A 188 17.70 -5.45 -15.29
CA ASP A 188 17.74 -5.50 -16.76
C ASP A 188 17.11 -6.76 -17.34
N PRO A 189 17.43 -7.97 -16.87
CA PRO A 189 16.78 -9.15 -17.42
C PRO A 189 15.31 -9.33 -16.99
N LEU A 190 14.89 -8.79 -15.84
CA LEU A 190 13.46 -8.79 -15.52
C LEU A 190 12.70 -7.94 -16.53
N LEU A 191 13.19 -6.75 -16.83
CA LEU A 191 12.47 -5.80 -17.74
C LEU A 191 12.56 -6.30 -19.17
N ALA A 192 13.58 -7.09 -19.51
CA ALA A 192 13.75 -7.66 -20.84
C ALA A 192 12.71 -8.69 -21.15
N LEU A 193 12.20 -9.37 -20.12
CA LEU A 193 11.13 -10.35 -20.33
C LEU A 193 9.80 -9.72 -20.74
N LEU A 194 9.60 -8.42 -20.46
CA LEU A 194 8.40 -7.63 -20.74
C LEU A 194 8.57 -6.70 -21.94
N ALA A 195 9.67 -6.85 -22.66
CA ALA A 195 10.03 -6.00 -23.78
C ALA A 195 9.33 -6.58 -24.99
N VAL A 196 8.01 -6.33 -25.06
CA VAL A 196 7.11 -6.84 -26.12
C VAL A 196 6.13 -5.76 -26.53
N PRO A 197 5.74 -5.79 -27.81
CA PRO A 197 4.75 -4.80 -28.31
C PRO A 197 3.46 -4.89 -27.57
N ASP A 198 2.98 -6.10 -27.28
CA ASP A 198 1.72 -6.30 -26.56
C ASP A 198 1.92 -7.26 -25.38
N LEU A 199 1.71 -6.79 -24.17
CA LEU A 199 1.84 -7.64 -22.97
C LEU A 199 0.80 -8.76 -23.02
N SER A 200 -0.18 -8.72 -23.93
CA SER A 200 -1.25 -9.73 -23.94
C SER A 200 -0.83 -11.02 -24.58
N THR A 201 0.30 -11.01 -25.32
CA THR A 201 0.92 -12.19 -25.88
C THR A 201 1.68 -13.05 -24.85
N LEU A 202 1.87 -12.56 -23.61
CA LEU A 202 2.59 -13.32 -22.60
C LEU A 202 1.53 -14.05 -21.80
N ALA A 203 1.94 -15.14 -21.14
CA ALA A 203 1.04 -15.95 -20.31
C ALA A 203 0.56 -15.15 -19.10
N CYS A 204 -0.68 -15.34 -18.67
CA CYS A 204 -1.29 -14.61 -17.53
C CYS A 204 -0.45 -14.77 -16.27
N GLY A 205 -0.09 -16.00 -15.90
CA GLY A 205 0.66 -16.26 -14.67
C GLY A 205 2.07 -15.74 -14.74
N TYR A 206 2.68 -15.81 -15.92
CA TYR A 206 4.06 -15.31 -16.11
C TYR A 206 4.08 -13.82 -15.85
N LEU A 207 3.13 -13.07 -16.40
CA LEU A 207 3.06 -11.59 -16.25
C LEU A 207 2.67 -11.26 -14.81
N ARG A 208 1.84 -12.08 -14.19
CA ARG A 208 1.34 -11.84 -12.81
C ARG A 208 2.50 -12.02 -11.84
N ASN A 209 3.39 -12.98 -12.09
CA ASN A 209 4.56 -13.24 -11.23
C ASN A 209 5.58 -12.13 -11.44
N LEU A 210 5.83 -11.73 -12.68
CA LEU A 210 6.81 -10.68 -13.02
C LEU A 210 6.34 -9.36 -12.43
N THR A 211 5.04 -9.11 -12.38
CA THR A 211 4.47 -7.83 -11.89
C THR A 211 4.53 -7.82 -10.36
N TRP A 212 4.40 -8.96 -9.72
CA TRP A 212 4.47 -9.06 -8.23
C TRP A 212 5.93 -8.97 -7.81
N THR A 213 6.84 -9.46 -8.64
CA THR A 213 8.30 -9.46 -8.31
C THR A 213 8.81 -8.03 -8.49
N LEU A 214 8.32 -7.30 -9.50
CA LEU A 214 8.73 -5.88 -9.71
C LEU A 214 8.15 -5.08 -8.57
N SER A 215 6.90 -5.31 -8.19
CA SER A 215 6.30 -4.71 -6.99
C SER A 215 7.20 -4.85 -5.74
N ASN A 216 7.89 -5.98 -5.57
CA ASN A 216 8.69 -6.19 -4.36
C ASN A 216 10.02 -5.44 -4.46
N LEU A 217 10.48 -5.16 -5.68
CA LEU A 217 11.71 -4.36 -5.89
C LEU A 217 11.38 -2.88 -5.75
N CYS A 218 10.11 -2.52 -5.59
CA CYS A 218 9.65 -1.12 -5.40
C CYS A 218 9.14 -0.96 -3.97
N ARG A 219 9.22 -2.01 -3.15
CA ARG A 219 8.64 -2.03 -1.78
C ARG A 219 9.67 -1.85 -0.67
N ASN A 220 9.22 -1.50 0.54
CA ASN A 220 10.06 -1.35 1.75
C ASN A 220 10.78 0.00 1.77
N LYS A 221 11.00 0.55 2.97
CA LYS A 221 11.68 1.85 3.16
C LYS A 221 12.85 1.61 4.12
N ASN A 222 13.67 2.63 4.41
CA ASN A 222 14.81 2.51 5.35
C ASN A 222 15.67 1.31 4.95
N PRO A 223 16.45 1.39 3.86
CA PRO A 223 16.26 2.41 2.83
C PRO A 223 15.11 2.19 1.85
N ALA A 224 14.71 3.23 1.13
CA ALA A 224 13.70 3.12 0.06
C ALA A 224 14.42 2.63 -1.20
N PRO A 225 13.71 2.10 -2.21
CA PRO A 225 14.37 1.54 -3.38
C PRO A 225 15.32 2.55 -4.06
N PRO A 226 16.46 2.11 -4.62
CA PRO A 226 17.39 3.01 -5.32
C PRO A 226 16.70 3.83 -6.41
N LEU A 227 16.95 5.14 -6.46
CA LEU A 227 16.28 6.07 -7.42
C LEU A 227 16.53 5.67 -8.86
N ASP A 228 17.73 5.18 -9.19
CA ASP A 228 18.10 4.75 -10.56
C ASP A 228 17.30 3.50 -10.91
N ALA A 229 17.09 2.60 -9.95
CA ALA A 229 16.31 1.35 -10.17
C ALA A 229 14.84 1.70 -10.30
N VAL A 230 14.36 2.70 -9.56
CA VAL A 230 12.94 3.13 -9.59
C VAL A 230 12.65 3.79 -10.94
N GLU A 231 13.61 4.48 -11.53
CA GLU A 231 13.41 5.21 -12.81
C GLU A 231 13.62 4.24 -13.97
N GLN A 232 14.25 3.09 -13.72
CA GLN A 232 14.50 2.07 -14.76
C GLN A 232 13.28 1.16 -14.84
N ILE A 233 12.53 1.03 -13.74
CA ILE A 233 11.35 0.11 -13.67
C ILE A 233 10.07 0.89 -14.00
N LEU A 234 9.88 2.11 -13.50
CA LEU A 234 8.63 2.90 -13.68
C LEU A 234 8.11 2.80 -15.12
N PRO A 235 8.91 3.02 -16.18
CA PRO A 235 8.36 2.98 -17.53
C PRO A 235 7.62 1.66 -17.84
N THR A 236 8.10 0.53 -17.34
CA THR A 236 7.49 -0.80 -17.56
C THR A 236 6.32 -0.98 -16.60
N LEU A 237 6.41 -0.44 -15.40
CA LEU A 237 5.32 -0.52 -14.39
C LEU A 237 4.09 0.23 -14.89
N VAL A 238 4.29 1.30 -15.66
CA VAL A 238 3.16 2.11 -16.20
C VAL A 238 2.46 1.28 -17.27
N ARG A 239 3.19 0.52 -18.07
CA ARG A 239 2.59 -0.35 -19.12
C ARG A 239 1.71 -1.41 -18.47
N LEU A 240 2.09 -1.91 -17.29
CA LEU A 240 1.33 -2.97 -16.57
C LEU A 240 0.12 -2.34 -15.87
N LEU A 241 0.17 -1.05 -15.56
CA LEU A 241 -0.99 -0.34 -14.93
C LEU A 241 -2.07 -0.12 -16.00
N HIS A 242 -1.74 -0.29 -17.27
CA HIS A 242 -2.72 -0.17 -18.35
C HIS A 242 -3.09 -1.53 -18.90
N HIS A 243 -2.72 -2.59 -18.20
CA HIS A 243 -2.99 -3.97 -18.65
C HIS A 243 -4.42 -4.34 -18.28
N ASN A 244 -5.04 -5.24 -19.05
CA ASN A 244 -6.44 -5.68 -18.83
C ASN A 244 -6.60 -6.61 -17.61
N ASP A 245 -5.58 -7.41 -17.27
CA ASP A 245 -5.68 -8.40 -16.16
C ASP A 245 -5.81 -7.72 -14.79
N PRO A 246 -6.74 -8.15 -13.92
CA PRO A 246 -6.97 -7.50 -12.63
C PRO A 246 -5.89 -7.72 -11.56
N GLU A 247 -5.25 -8.90 -11.53
CA GLU A 247 -4.16 -9.21 -10.56
C GLU A 247 -2.92 -8.40 -10.93
N VAL A 248 -2.62 -8.25 -12.22
CA VAL A 248 -1.46 -7.44 -12.71
C VAL A 248 -1.76 -5.98 -12.36
N LEU A 249 -3.00 -5.54 -12.54
CA LEU A 249 -3.41 -4.14 -12.25
C LEU A 249 -3.31 -3.88 -10.75
N ALA A 250 -3.67 -4.83 -9.91
CA ALA A 250 -3.64 -4.67 -8.45
C ALA A 250 -2.20 -4.60 -7.94
N ASP A 251 -1.32 -5.45 -8.46
CA ASP A 251 0.10 -5.50 -8.00
C ASP A 251 0.84 -4.31 -8.58
N SER A 252 0.38 -3.74 -9.69
CA SER A 252 0.98 -2.54 -10.31
C SER A 252 0.53 -1.31 -9.52
N CYS A 253 -0.64 -1.32 -8.91
CA CYS A 253 -1.14 -0.18 -8.11
C CYS A 253 -0.42 -0.21 -6.76
N TRP A 254 -0.10 -1.41 -6.26
CA TRP A 254 0.62 -1.57 -4.96
C TRP A 254 2.04 -1.05 -5.13
N ALA A 255 2.68 -1.31 -6.26
CA ALA A 255 4.05 -0.86 -6.55
C ALA A 255 4.09 0.68 -6.59
N ILE A 256 3.10 1.32 -7.21
CA ILE A 256 3.01 2.81 -7.27
C ILE A 256 2.71 3.31 -5.86
N SER A 257 1.95 2.55 -5.07
CA SER A 257 1.64 2.90 -3.65
C SER A 257 2.94 2.91 -2.84
N TYR A 258 3.86 2.00 -3.14
CA TYR A 258 5.14 1.89 -2.38
C TYR A 258 6.06 3.02 -2.80
N LEU A 259 6.08 3.34 -4.08
CA LEU A 259 6.96 4.40 -4.64
C LEU A 259 6.43 5.79 -4.25
N THR A 260 5.14 5.93 -3.94
CA THR A 260 4.50 7.22 -3.57
C THR A 260 4.63 7.44 -2.06
N ASP A 261 4.89 6.39 -1.29
CA ASP A 261 5.08 6.48 0.18
C ASP A 261 6.51 6.96 0.42
N GLY A 262 6.72 8.27 0.47
CA GLY A 262 8.00 8.83 0.62
C GLY A 262 8.04 10.32 0.37
N PRO A 263 9.26 10.83 0.32
CA PRO A 263 9.46 12.26 0.14
C PRO A 263 8.87 12.71 -1.18
N ASN A 264 8.52 13.99 -1.27
CA ASN A 264 7.84 14.58 -2.45
C ASN A 264 8.57 14.35 -3.77
N GLU A 265 9.88 14.11 -3.76
CA GLU A 265 10.67 13.91 -5.00
C GLU A 265 10.34 12.54 -5.58
N ARG A 266 10.04 11.57 -4.72
CA ARG A 266 9.64 10.21 -5.16
C ARG A 266 8.23 10.32 -5.78
N ILE A 267 7.33 11.07 -5.14
CA ILE A 267 5.95 11.29 -5.64
C ILE A 267 6.06 11.94 -7.02
N GLU A 268 6.96 12.90 -7.18
CA GLU A 268 7.13 13.66 -8.46
C GLU A 268 7.58 12.73 -9.59
N MET A 269 8.50 11.81 -9.32
CA MET A 269 8.97 10.86 -10.35
C MET A 269 7.75 10.17 -10.94
N VAL A 270 6.87 9.66 -10.08
CA VAL A 270 5.67 8.90 -10.52
C VAL A 270 4.68 9.84 -11.22
N VAL A 271 4.45 11.03 -10.69
CA VAL A 271 3.41 11.96 -11.24
C VAL A 271 3.91 12.52 -12.58
N LYS A 272 5.22 12.54 -12.81
CA LYS A 272 5.82 13.01 -14.08
C LYS A 272 5.60 11.95 -15.15
N LYS A 273 5.45 10.69 -14.76
CA LYS A 273 5.22 9.56 -15.71
C LYS A 273 3.75 9.56 -16.14
N GLY A 274 2.91 10.43 -15.60
CA GLY A 274 1.51 10.58 -16.04
C GLY A 274 0.64 9.40 -15.64
N VAL A 275 0.69 8.96 -14.39
CA VAL A 275 -0.05 7.76 -13.91
C VAL A 275 -1.30 8.17 -13.14
N VAL A 276 -1.39 9.40 -12.65
CA VAL A 276 -2.49 9.87 -11.77
C VAL A 276 -3.85 9.67 -12.46
N PRO A 277 -4.02 9.99 -13.75
CA PRO A 277 -5.29 9.74 -14.42
C PRO A 277 -5.68 8.26 -14.41
N GLN A 278 -4.74 7.36 -14.72
CA GLN A 278 -5.00 5.89 -14.75
C GLN A 278 -5.30 5.40 -13.34
N LEU A 279 -4.67 5.98 -12.33
CA LEU A 279 -4.89 5.61 -10.91
C LEU A 279 -6.30 6.05 -10.51
N VAL A 280 -6.79 7.17 -11.04
CA VAL A 280 -8.14 7.72 -10.72
C VAL A 280 -9.19 6.86 -11.43
N LYS A 281 -8.85 6.26 -12.56
CA LYS A 281 -9.75 5.34 -13.30
C LYS A 281 -9.80 4.00 -12.58
N LEU A 282 -8.70 3.57 -11.98
CA LEU A 282 -8.62 2.29 -11.23
C LEU A 282 -9.22 2.49 -9.85
N LEU A 283 -9.43 3.73 -9.42
CA LEU A 283 -10.07 4.05 -8.12
C LEU A 283 -11.56 3.76 -8.27
N GLY A 284 -12.06 3.72 -9.51
CA GLY A 284 -13.48 3.46 -9.81
C GLY A 284 -13.73 2.04 -10.22
N ALA A 285 -12.74 1.15 -10.10
CA ALA A 285 -12.87 -0.29 -10.42
C ALA A 285 -13.88 -0.90 -9.48
N THR A 286 -14.53 -2.00 -9.88
CA THR A 286 -15.52 -2.68 -9.03
C THR A 286 -14.77 -3.66 -8.13
N GLU A 287 -13.48 -3.87 -8.40
CA GLU A 287 -12.65 -4.85 -7.65
C GLU A 287 -11.91 -4.15 -6.51
N LEU A 288 -12.28 -4.43 -5.27
CA LEU A 288 -11.61 -3.87 -4.07
C LEU A 288 -10.11 -4.16 -4.14
N PRO A 289 -9.65 -5.34 -4.61
CA PRO A 289 -8.22 -5.59 -4.75
C PRO A 289 -7.46 -4.54 -5.57
N ILE A 290 -8.11 -3.85 -6.50
CA ILE A 290 -7.49 -2.80 -7.34
C ILE A 290 -7.76 -1.44 -6.71
N VAL A 291 -8.90 -1.27 -6.05
CA VAL A 291 -9.31 0.04 -5.48
C VAL A 291 -8.49 0.29 -4.22
N THR A 292 -8.16 -0.74 -3.45
CA THR A 292 -7.44 -0.58 -2.17
C THR A 292 -6.04 0.00 -2.44
N PRO A 293 -5.24 -0.55 -3.37
CA PRO A 293 -3.94 0.05 -3.70
C PRO A 293 -4.00 1.37 -4.50
N ALA A 294 -5.02 1.56 -5.32
CA ALA A 294 -5.18 2.78 -6.14
C ALA A 294 -5.48 3.96 -5.20
N LEU A 295 -6.21 3.72 -4.13
CA LEU A 295 -6.52 4.76 -3.17
C LEU A 295 -5.27 5.13 -2.36
N ARG A 296 -4.51 4.13 -1.91
CA ARG A 296 -3.28 4.37 -1.13
C ARG A 296 -2.32 5.25 -1.92
N ALA A 297 -2.17 4.99 -3.21
CA ALA A 297 -1.26 5.75 -4.10
C ALA A 297 -1.79 7.17 -4.30
N ILE A 298 -3.10 7.32 -4.55
CA ILE A 298 -3.71 8.67 -4.67
C ILE A 298 -3.55 9.36 -3.33
N GLY A 299 -3.73 8.66 -2.21
CA GLY A 299 -3.57 9.25 -0.87
C GLY A 299 -2.15 9.68 -0.56
N ASN A 300 -1.19 8.92 -1.08
CA ASN A 300 0.25 9.17 -0.87
C ASN A 300 0.73 10.31 -1.78
N ILE A 301 -0.01 10.63 -2.85
CA ILE A 301 0.37 11.73 -3.78
C ILE A 301 -0.19 13.03 -3.19
N VAL A 302 -1.27 12.97 -2.39
CA VAL A 302 -1.78 14.20 -1.78
C VAL A 302 -1.07 14.50 -0.46
N THR A 303 -0.03 13.75 -0.11
CA THR A 303 0.80 14.10 1.07
C THR A 303 1.81 15.15 0.58
N GLY A 304 2.06 15.24 -0.72
CA GLY A 304 3.01 16.17 -1.27
C GLY A 304 2.55 17.61 -1.43
N THR A 305 3.08 18.22 -2.46
CA THR A 305 2.87 19.62 -2.68
C THR A 305 1.44 19.85 -3.13
N ASP A 306 0.98 21.08 -2.91
CA ASP A 306 -0.35 21.49 -3.37
C ASP A 306 -0.33 21.36 -4.90
N GLU A 307 0.85 21.34 -5.56
CA GLU A 307 0.78 21.19 -7.02
C GLU A 307 0.59 19.71 -7.41
N GLN A 308 1.07 18.79 -6.58
CA GLN A 308 0.88 17.34 -6.81
C GLN A 308 -0.57 16.98 -6.48
N THR A 309 -1.11 17.54 -5.41
CA THR A 309 -2.52 17.30 -5.00
C THR A 309 -3.41 17.81 -6.12
N GLN A 310 -3.02 18.89 -6.79
CA GLN A 310 -3.84 19.52 -7.85
C GLN A 310 -3.85 18.64 -9.10
N LYS A 311 -2.87 17.76 -9.31
CA LYS A 311 -2.90 16.83 -10.46
C LYS A 311 -3.98 15.77 -10.23
N VAL A 312 -4.21 15.37 -8.99
CA VAL A 312 -5.23 14.36 -8.62
C VAL A 312 -6.62 14.96 -8.84
N ILE A 313 -6.84 16.18 -8.35
CA ILE A 313 -8.14 16.90 -8.49
C ILE A 313 -8.37 17.15 -9.98
N ASP A 314 -7.31 17.44 -10.73
CA ASP A 314 -7.41 17.71 -12.18
C ASP A 314 -7.72 16.41 -12.92
N ALA A 315 -7.23 15.26 -12.45
CA ALA A 315 -7.48 13.95 -13.09
C ALA A 315 -8.92 13.53 -12.79
N GLY A 316 -9.60 14.19 -11.88
CA GLY A 316 -11.02 13.94 -11.56
C GLY A 316 -11.22 13.01 -10.39
N ALA A 317 -10.39 13.07 -9.34
CA ALA A 317 -10.52 12.07 -8.32
C ALA A 317 -11.65 12.38 -7.36
N LEU A 318 -12.00 13.66 -7.22
CA LEU A 318 -13.02 14.08 -6.22
C LEU A 318 -14.39 13.53 -6.60
N ALA A 319 -14.59 13.07 -7.84
CA ALA A 319 -15.88 12.53 -8.32
C ALA A 319 -16.08 11.09 -7.84
N VAL A 320 -15.03 10.40 -7.40
CA VAL A 320 -15.08 8.99 -6.96
C VAL A 320 -15.25 8.94 -5.44
N PHE A 321 -14.93 10.02 -4.75
CA PHE A 321 -14.95 10.06 -3.27
C PHE A 321 -16.37 9.91 -2.71
N PRO A 322 -17.45 10.38 -3.37
CA PRO A 322 -18.80 10.14 -2.87
C PRO A 322 -19.03 8.64 -2.58
N SER A 323 -18.50 7.73 -3.40
CA SER A 323 -18.66 6.27 -3.24
C SER A 323 -17.58 5.69 -2.32
N LEU A 324 -16.39 6.26 -2.28
CA LEU A 324 -15.25 5.78 -1.44
C LEU A 324 -15.53 6.16 0.01
N LEU A 325 -16.28 7.23 0.25
CA LEU A 325 -16.61 7.70 1.62
C LEU A 325 -17.87 7.00 2.08
N THR A 326 -18.56 6.26 1.20
CA THR A 326 -19.76 5.47 1.54
C THR A 326 -19.41 3.99 1.33
N ASN A 327 -18.14 3.67 1.08
CA ASN A 327 -17.70 2.28 0.77
C ASN A 327 -18.01 1.33 1.92
N PRO A 328 -18.57 0.13 1.64
CA PRO A 328 -18.86 -0.84 2.67
C PRO A 328 -17.60 -1.33 3.41
N LYS A 329 -16.42 -1.26 2.79
CA LYS A 329 -15.14 -1.64 3.44
C LYS A 329 -14.65 -0.49 4.33
N THR A 330 -14.45 -0.74 5.62
CA THR A 330 -14.04 0.29 6.62
C THR A 330 -12.66 0.86 6.26
N ASN A 331 -11.77 0.03 5.72
CA ASN A 331 -10.41 0.46 5.32
C ASN A 331 -10.51 1.49 4.19
N ILE A 332 -11.36 1.26 3.19
CA ILE A 332 -11.53 2.18 2.02
C ILE A 332 -12.12 3.49 2.52
N GLN A 333 -13.10 3.43 3.41
CA GLN A 333 -13.75 4.64 3.97
C GLN A 333 -12.70 5.44 4.75
N LYS A 334 -12.02 4.80 5.70
CA LYS A 334 -10.98 5.44 6.55
C LYS A 334 -9.84 5.98 5.70
N GLU A 335 -9.37 5.23 4.71
CA GLU A 335 -8.24 5.64 3.84
C GLU A 335 -8.70 6.81 2.99
N ALA A 336 -9.94 6.80 2.52
CA ALA A 336 -10.50 7.87 1.66
C ALA A 336 -10.77 9.13 2.48
N THR A 337 -11.13 9.00 3.76
CA THR A 337 -11.41 10.14 4.66
C THR A 337 -10.07 10.76 5.02
N TRP A 338 -9.02 9.94 5.10
CA TRP A 338 -7.64 10.43 5.35
C TRP A 338 -7.14 11.15 4.11
N THR A 339 -7.41 10.62 2.93
CA THR A 339 -7.06 11.35 1.70
C THR A 339 -7.79 12.71 1.66
N MET A 340 -9.06 12.75 2.07
CA MET A 340 -9.84 14.01 2.09
C MET A 340 -9.23 14.98 3.10
N SER A 341 -8.68 14.52 4.23
CA SER A 341 -8.01 15.40 5.21
C SER A 341 -6.73 16.00 4.67
N ASN A 342 -6.00 15.30 3.81
CA ASN A 342 -4.88 15.98 3.19
C ASN A 342 -5.27 16.87 2.04
N ILE A 343 -6.47 16.73 1.49
CA ILE A 343 -6.92 17.66 0.41
C ILE A 343 -7.51 18.93 1.06
N THR A 344 -8.08 18.84 2.26
CA THR A 344 -8.70 19.99 2.97
C THR A 344 -7.59 20.83 3.60
N ALA A 345 -6.39 20.30 3.72
CA ALA A 345 -5.21 21.00 4.23
C ALA A 345 -4.51 21.83 3.14
N GLY A 346 -4.91 21.65 1.88
CA GLY A 346 -4.30 22.37 0.75
C GLY A 346 -4.80 23.80 0.58
N ARG A 347 -4.84 24.30 -0.65
CA ARG A 347 -5.21 25.70 -0.96
C ARG A 347 -6.72 25.90 -0.85
N GLN A 348 -7.17 27.14 -0.74
CA GLN A 348 -8.61 27.49 -0.61
C GLN A 348 -9.33 27.10 -1.91
N ASP A 349 -8.65 27.18 -3.05
CA ASP A 349 -9.23 26.81 -4.37
C ASP A 349 -9.45 25.31 -4.39
N GLN A 350 -8.59 24.54 -3.72
CA GLN A 350 -8.70 23.07 -3.63
C GLN A 350 -9.85 22.74 -2.67
N ILE A 351 -10.01 23.51 -1.60
CA ILE A 351 -11.13 23.32 -0.62
C ILE A 351 -12.44 23.65 -1.35
N GLN A 352 -12.41 24.60 -2.28
CA GLN A 352 -13.60 25.01 -3.04
C GLN A 352 -13.96 23.90 -4.02
N GLN A 353 -12.97 23.16 -4.50
CA GLN A 353 -13.20 22.03 -5.43
C GLN A 353 -13.84 20.89 -4.64
N VAL A 354 -13.46 20.69 -3.38
CA VAL A 354 -14.10 19.67 -2.52
C VAL A 354 -15.59 20.04 -2.38
N VAL A 355 -15.87 21.31 -2.11
CA VAL A 355 -17.25 21.85 -1.93
C VAL A 355 -18.04 21.67 -3.23
N ASN A 356 -17.43 21.85 -4.38
CA ASN A 356 -18.10 21.78 -5.70
C ASN A 356 -18.47 20.33 -6.04
N HIS A 357 -17.71 19.35 -5.57
CA HIS A 357 -17.95 17.91 -5.85
C HIS A 357 -18.97 17.36 -4.85
N GLY A 358 -19.42 18.17 -3.90
CA GLY A 358 -20.45 17.80 -2.93
C GLY A 358 -19.93 16.85 -1.87
N LEU A 359 -18.66 16.95 -1.53
CA LEU A 359 -18.01 15.99 -0.59
C LEU A 359 -18.20 16.41 0.87
N VAL A 360 -18.63 17.64 1.14
CA VAL A 360 -18.80 18.14 2.54
C VAL A 360 -19.97 17.39 3.17
N PRO A 361 -21.14 17.27 2.50
CA PRO A 361 -22.22 16.45 3.03
C PRO A 361 -21.77 15.02 3.33
N PHE A 362 -20.85 14.47 2.54
CA PHE A 362 -20.33 13.09 2.69
C PHE A 362 -19.38 13.02 3.89
N LEU A 363 -18.67 14.10 4.19
CA LEU A 363 -17.75 14.16 5.36
C LEU A 363 -18.58 14.40 6.62
N VAL A 364 -19.74 15.03 6.51
CA VAL A 364 -20.67 15.24 7.65
C VAL A 364 -21.24 13.87 7.99
N GLY A 365 -21.38 12.99 7.01
CA GLY A 365 -21.95 11.64 7.20
C GLY A 365 -20.94 10.65 7.74
N VAL A 366 -19.65 10.78 7.42
CA VAL A 366 -18.59 9.91 7.99
C VAL A 366 -18.45 10.34 9.44
N LEU A 367 -18.59 11.63 9.72
CA LEU A 367 -18.59 12.14 11.11
C LEU A 367 -19.84 11.65 11.86
N SER A 368 -20.98 11.50 11.20
CA SER A 368 -22.20 11.01 11.85
C SER A 368 -22.17 9.50 12.14
N LYS A 369 -21.65 8.70 11.21
CA LYS A 369 -21.72 7.23 11.36
C LYS A 369 -20.59 6.61 10.56
N ALA A 370 -19.66 5.94 11.23
CA ALA A 370 -18.50 5.28 10.62
C ALA A 370 -17.65 4.71 11.75
N ASP A 371 -16.66 3.87 11.42
CA ASP A 371 -15.70 3.36 12.43
C ASP A 371 -15.03 4.57 13.08
N PHE A 372 -14.84 4.58 14.39
CA PHE A 372 -14.26 5.75 15.12
C PHE A 372 -12.96 6.20 14.45
N LYS A 373 -12.21 5.28 13.87
CA LYS A 373 -10.94 5.61 13.16
C LYS A 373 -11.27 6.51 11.97
N THR A 374 -12.26 6.16 11.17
CA THR A 374 -12.71 6.98 10.01
C THR A 374 -13.22 8.31 10.54
N GLN A 375 -13.95 8.29 11.66
CA GLN A 375 -14.55 9.51 12.26
C GLN A 375 -13.44 10.42 12.78
N LYS A 376 -12.28 9.87 13.15
CA LYS A 376 -11.13 10.65 13.65
C LYS A 376 -10.42 11.27 12.45
N GLU A 377 -10.40 10.58 11.33
CA GLU A 377 -9.82 11.12 10.07
C GLU A 377 -10.75 12.20 9.55
N ALA A 378 -12.05 12.13 9.85
CA ALA A 378 -13.06 13.12 9.40
C ALA A 378 -12.95 14.38 10.26
N ALA A 379 -12.71 14.24 11.56
CA ALA A 379 -12.48 15.37 12.48
C ALA A 379 -11.25 16.12 11.98
N TRP A 380 -10.22 15.39 11.55
CA TRP A 380 -8.97 15.99 11.05
C TRP A 380 -9.20 16.70 9.72
N ALA A 381 -10.09 16.19 8.89
CA ALA A 381 -10.43 16.81 7.59
C ALA A 381 -11.25 18.07 7.83
N ILE A 382 -12.07 18.10 8.89
CA ILE A 382 -12.93 19.26 9.21
C ILE A 382 -12.07 20.35 9.87
N THR A 383 -11.02 19.99 10.62
CA THR A 383 -10.15 20.96 11.32
C THR A 383 -9.17 21.57 10.30
N ASN A 384 -8.65 20.78 9.35
CA ASN A 384 -7.82 21.29 8.26
C ASN A 384 -8.61 22.22 7.37
N TYR A 385 -9.88 21.89 7.13
CA TYR A 385 -10.76 22.72 6.26
C TYR A 385 -11.08 24.01 6.97
N THR A 386 -11.38 23.97 8.25
CA THR A 386 -11.77 25.16 9.05
C THR A 386 -10.51 25.98 9.32
N SER A 387 -9.33 25.38 9.26
CA SER A 387 -8.09 26.14 9.41
C SER A 387 -7.75 26.96 8.15
N GLY A 388 -7.77 26.36 6.96
CA GLY A 388 -7.36 27.09 5.79
C GLY A 388 -8.45 27.62 4.91
N GLY A 389 -9.71 27.49 5.32
CA GLY A 389 -10.82 27.89 4.48
C GLY A 389 -11.18 29.37 4.58
N THR A 390 -11.88 29.85 3.57
CA THR A 390 -12.61 31.10 3.71
C THR A 390 -13.77 30.97 4.70
N VAL A 391 -14.29 32.13 5.09
CA VAL A 391 -15.45 32.21 6.01
C VAL A 391 -16.67 31.68 5.25
N GLU A 392 -16.79 31.99 3.96
CA GLU A 392 -17.91 31.51 3.11
C GLU A 392 -17.91 29.99 3.12
N GLN A 393 -16.74 29.36 3.15
CA GLN A 393 -16.61 27.89 3.13
C GLN A 393 -16.93 27.35 4.52
N ILE A 394 -16.47 28.01 5.57
CA ILE A 394 -16.67 27.54 6.98
C ILE A 394 -18.16 27.61 7.31
N VAL A 395 -18.89 28.57 6.74
CA VAL A 395 -20.34 28.74 7.04
C VAL A 395 -21.11 27.70 6.23
N TYR A 396 -20.56 27.25 5.10
CA TYR A 396 -21.21 26.20 4.27
C TYR A 396 -21.13 24.90 5.04
N LEU A 397 -20.04 24.68 5.77
CA LEU A 397 -19.83 23.44 6.55
C LEU A 397 -20.87 23.38 7.67
N VAL A 398 -21.26 24.52 8.24
CA VAL A 398 -22.23 24.57 9.35
C VAL A 398 -23.64 24.43 8.75
N HIS A 399 -23.83 24.89 7.52
CA HIS A 399 -25.14 24.77 6.82
C HIS A 399 -25.35 23.31 6.40
N CYS A 400 -24.29 22.54 6.19
CA CYS A 400 -24.38 21.12 5.75
C CYS A 400 -24.66 20.24 6.97
N GLY A 401 -24.50 20.76 8.20
CA GLY A 401 -24.85 20.02 9.43
C GLY A 401 -23.65 19.47 10.16
N ILE A 402 -22.54 20.21 10.25
CA ILE A 402 -21.29 19.71 10.90
C ILE A 402 -21.41 19.83 12.42
N ILE A 403 -22.20 20.75 12.95
CA ILE A 403 -22.25 21.04 14.43
C ILE A 403 -22.65 19.80 15.24
N GLU A 404 -23.79 19.18 15.02
CA GLU A 404 -24.27 18.05 15.86
C GLU A 404 -23.28 16.88 15.84
N PRO A 405 -22.87 16.30 14.68
CA PRO A 405 -22.03 15.10 14.73
C PRO A 405 -20.63 15.40 15.26
N LEU A 406 -20.12 16.63 15.09
CA LEU A 406 -18.81 17.06 15.66
C LEU A 406 -18.93 17.05 17.17
N MET A 407 -19.97 17.66 17.71
CA MET A 407 -20.17 17.79 19.18
C MET A 407 -20.40 16.40 19.79
N ASN A 408 -21.09 15.51 19.09
CA ASN A 408 -21.43 14.17 19.64
C ASN A 408 -20.15 13.36 19.81
N LEU A 409 -19.07 13.72 19.13
CA LEU A 409 -17.76 13.01 19.21
C LEU A 409 -16.93 13.57 20.38
N LEU A 410 -17.34 14.68 21.00
CA LEU A 410 -16.65 15.26 22.19
C LEU A 410 -16.99 14.39 23.41
N SER A 411 -17.93 13.47 23.30
CA SER A 411 -18.30 12.53 24.38
C SER A 411 -17.44 11.28 24.25
N ALA A 412 -16.46 11.26 23.34
CA ALA A 412 -15.54 10.12 23.14
C ALA A 412 -14.41 10.18 24.17
N LYS A 413 -13.55 9.17 24.21
CA LYS A 413 -12.44 9.11 25.20
C LYS A 413 -11.17 9.76 24.62
N ASP A 414 -10.73 9.35 23.42
CA ASP A 414 -9.47 9.87 22.81
C ASP A 414 -9.37 11.37 23.06
N THR A 415 -8.27 11.83 23.64
CA THR A 415 -8.02 13.27 23.87
C THR A 415 -7.67 13.91 22.54
N LYS A 416 -7.03 13.15 21.64
CA LYS A 416 -6.56 13.68 20.33
C LYS A 416 -7.76 14.20 19.55
N ILE A 417 -8.83 13.42 19.43
CA ILE A 417 -10.03 13.83 18.65
C ILE A 417 -10.69 15.01 19.36
N ILE A 418 -10.70 15.02 20.69
CA ILE A 418 -11.34 16.10 21.49
C ILE A 418 -10.58 17.40 21.24
N GLN A 419 -9.26 17.34 21.14
CA GLN A 419 -8.40 18.52 20.90
C GLN A 419 -8.60 18.97 19.46
N VAL A 420 -8.79 18.04 18.54
CA VAL A 420 -8.99 18.34 17.08
C VAL A 420 -10.38 18.95 16.91
N ILE A 421 -11.41 18.42 17.56
CA ILE A 421 -12.81 18.88 17.39
C ILE A 421 -12.94 20.27 17.99
N LEU A 422 -12.27 20.56 19.12
CA LEU A 422 -12.33 21.86 19.81
C LEU A 422 -11.50 22.89 19.06
N ASP A 423 -10.54 22.44 18.25
CA ASP A 423 -9.70 23.33 17.41
C ASP A 423 -10.53 23.77 16.20
N ALA A 424 -11.46 22.93 15.75
CA ALA A 424 -12.35 23.25 14.61
C ALA A 424 -13.51 24.11 15.10
N ILE A 425 -13.93 23.96 16.35
CA ILE A 425 -15.06 24.74 16.93
C ILE A 425 -14.61 26.20 17.04
N SER A 426 -13.35 26.43 17.38
CA SER A 426 -12.79 27.80 17.54
C SER A 426 -12.68 28.46 16.16
N ASN A 427 -12.19 27.72 15.17
CA ASN A 427 -12.00 28.24 13.79
C ASN A 427 -13.38 28.67 13.27
N ILE A 428 -14.44 27.92 13.59
CA ILE A 428 -15.80 28.22 13.09
C ILE A 428 -16.34 29.42 13.87
N PHE A 429 -16.06 29.49 15.16
CA PHE A 429 -16.50 30.61 16.03
C PHE A 429 -15.76 31.89 15.63
N GLN A 430 -14.55 31.79 15.09
CA GLN A 430 -13.73 32.94 14.64
C GLN A 430 -14.33 33.47 13.33
N ALA A 431 -14.81 32.58 12.46
CA ALA A 431 -15.46 32.96 11.18
C ALA A 431 -16.80 33.58 11.50
N ALA A 432 -17.46 33.15 12.58
CA ALA A 432 -18.78 33.66 13.02
C ALA A 432 -18.58 35.07 13.59
N GLU A 433 -17.48 35.34 14.27
CA GLU A 433 -17.13 36.69 14.80
C GLU A 433 -16.98 37.66 13.62
N LYS A 434 -16.43 37.20 12.50
CA LYS A 434 -16.18 38.06 11.32
C LYS A 434 -17.52 38.35 10.62
N LEU A 435 -18.58 37.61 10.96
CA LEU A 435 -19.93 37.79 10.37
C LEU A 435 -20.91 38.32 11.42
N GLY A 436 -20.49 38.40 12.67
CA GLY A 436 -21.38 38.81 13.77
C GLY A 436 -22.52 37.83 13.93
N GLU A 437 -22.24 36.53 14.06
CA GLU A 437 -23.27 35.48 14.19
C GLU A 437 -22.83 34.46 15.24
N THR A 438 -21.85 34.77 16.08
CA THR A 438 -21.32 33.86 17.13
C THR A 438 -22.45 33.44 18.07
N GLU A 439 -23.38 34.34 18.36
CA GLU A 439 -24.49 34.05 19.30
C GLU A 439 -25.35 32.93 18.71
N LYS A 440 -25.69 33.01 17.44
CA LYS A 440 -26.52 31.98 16.76
C LYS A 440 -25.77 30.65 16.82
N LEU A 441 -24.46 30.66 16.57
CA LEU A 441 -23.62 29.44 16.61
C LEU A 441 -23.67 28.90 18.04
N SER A 442 -23.60 29.78 19.04
CA SER A 442 -23.62 29.38 20.47
C SER A 442 -24.96 28.72 20.76
N ILE A 443 -26.07 29.30 20.30
CA ILE A 443 -27.44 28.76 20.55
C ILE A 443 -27.54 27.42 19.84
N MET A 444 -27.02 27.31 18.62
CA MET A 444 -27.06 26.06 17.82
C MET A 444 -26.29 24.98 18.57
N ILE A 445 -25.12 25.31 19.11
CA ILE A 445 -24.29 24.35 19.87
C ILE A 445 -25.06 23.99 21.13
N GLU A 446 -25.63 24.96 21.82
CA GLU A 446 -26.35 24.73 23.09
C GLU A 446 -27.49 23.73 22.87
N GLU A 447 -28.22 23.83 21.76
CA GLU A 447 -29.40 22.98 21.49
C GLU A 447 -28.94 21.54 21.16
N CYS A 448 -27.80 21.37 20.50
CA CYS A 448 -27.28 20.03 20.12
C CYS A 448 -26.75 19.32 21.37
N GLY A 449 -26.57 20.06 22.47
CA GLY A 449 -26.04 19.49 23.73
C GLY A 449 -24.53 19.61 23.75
N GLY A 450 -23.97 20.67 23.15
CA GLY A 450 -22.51 20.83 23.02
C GLY A 450 -21.90 21.62 24.16
N LEU A 451 -22.51 22.74 24.54
CA LEU A 451 -22.02 23.53 25.69
C LEU A 451 -21.89 22.59 26.88
N ASP A 452 -22.83 21.66 27.02
CA ASP A 452 -22.82 20.67 28.13
C ASP A 452 -21.56 19.82 28.01
N LYS A 453 -21.24 19.35 26.81
CA LYS A 453 -20.06 18.49 26.57
C LYS A 453 -18.79 19.28 26.88
N ILE A 454 -18.69 20.51 26.39
CA ILE A 454 -17.47 21.35 26.55
C ILE A 454 -17.36 21.75 28.03
N GLU A 455 -18.49 21.90 28.73
CA GLU A 455 -18.50 22.24 30.17
C GLU A 455 -17.81 21.12 30.92
N ALA A 456 -18.09 19.86 30.57
CA ALA A 456 -17.50 18.68 31.23
C ALA A 456 -16.02 18.56 30.84
N LEU A 457 -15.65 19.10 29.67
CA LEU A 457 -14.24 19.07 29.21
C LEU A 457 -13.41 20.01 30.09
N ARG A 459 -13.13 19.31 33.18
CA ARG A 459 -12.61 18.28 34.10
C ARG A 459 -11.92 17.17 33.29
N HIS A 460 -10.76 17.45 32.71
CA HIS A 460 -10.04 16.47 31.85
C HIS A 460 -8.58 16.36 32.29
N GLU A 461 -7.95 15.20 32.04
CA GLU A 461 -6.52 14.99 32.37
C GLU A 461 -5.68 15.94 31.50
N ASN A 462 -5.98 16.00 30.19
CA ASN A 462 -5.22 16.86 29.25
C ASN A 462 -5.46 18.33 29.60
N GLU A 463 -4.40 19.12 29.67
CA GLU A 463 -4.48 20.56 30.01
C GLU A 463 -5.06 21.31 28.80
N SER A 464 -4.40 21.26 27.65
CA SER A 464 -4.85 21.97 26.42
C SER A 464 -6.34 21.75 26.21
N VAL A 465 -6.85 20.56 26.55
CA VAL A 465 -8.29 20.23 26.38
C VAL A 465 -9.10 21.19 27.24
N TYR A 466 -9.03 21.07 28.56
CA TYR A 466 -9.89 21.90 29.47
C TYR A 466 -9.47 23.36 29.34
N LYS A 467 -8.26 23.63 28.87
CA LYS A 467 -7.77 25.01 28.67
C LYS A 467 -8.56 25.61 27.52
N ALA A 468 -8.57 24.96 26.36
CA ALA A 468 -9.31 25.43 25.17
C ALA A 468 -10.80 25.36 25.45
N SER A 469 -11.24 24.36 26.20
CA SER A 469 -12.67 24.17 26.52
C SER A 469 -13.17 25.44 27.19
N LEU A 470 -12.46 25.93 28.20
CA LEU A 470 -12.90 27.11 28.99
C LEU A 470 -12.48 28.38 28.25
N ASN A 471 -11.62 28.28 27.24
CA ASN A 471 -11.27 29.44 26.40
C ASN A 471 -12.47 29.69 25.48
N LEU A 472 -13.22 28.63 25.17
CA LEU A 472 -14.41 28.72 24.27
C LEU A 472 -15.66 28.95 25.12
N ILE A 473 -15.74 28.34 26.30
CA ILE A 473 -16.92 28.47 27.20
C ILE A 473 -17.02 29.93 27.60
N GLU A 474 -15.90 30.55 27.93
CA GLU A 474 -15.88 31.95 28.43
C GLU A 474 -16.02 32.94 27.28
N LYS A 475 -15.34 32.70 26.15
CA LYS A 475 -15.30 33.67 25.03
C LYS A 475 -16.60 33.72 24.22
N TYR A 476 -17.31 32.60 24.05
CA TYR A 476 -18.50 32.57 23.16
C TYR A 476 -19.78 32.21 23.91
N PHE A 477 -19.71 31.34 24.93
CA PHE A 477 -20.90 30.89 25.70
C PHE A 477 -21.13 31.82 26.90
N ARG B 3 5.88 -9.35 1.65
CA ARG B 3 5.08 -10.49 1.19
C ARG B 3 5.98 -11.48 0.45
N LYS B 4 5.71 -12.75 0.71
CA LYS B 4 6.41 -13.88 0.07
C LYS B 4 5.28 -14.80 -0.38
N ARG B 5 5.51 -15.67 -1.35
CA ARG B 5 4.48 -16.58 -1.90
C ARG B 5 5.06 -17.98 -2.07
N ARG B 6 4.49 -18.99 -1.41
CA ARG B 6 4.92 -20.40 -1.59
C ARG B 6 4.17 -21.00 -2.79
N ARG B 7 4.87 -21.62 -3.73
CA ARG B 7 4.22 -22.33 -4.85
C ARG B 7 3.76 -23.68 -4.31
N VAL B 8 2.46 -23.95 -4.35
CA VAL B 8 1.89 -25.18 -3.77
C VAL B 8 1.30 -26.05 -4.88
N ALA B 9 1.07 -27.33 -4.60
CA ALA B 9 0.47 -28.26 -5.58
C ALA B 9 1.34 -28.30 -6.85
N LYS C 4 -0.78 18.80 6.59
CA LYS C 4 -0.74 17.48 5.90
C LYS C 4 -0.08 16.45 6.83
N ARG C 5 -0.47 15.18 6.75
CA ARG C 5 0.04 14.11 7.65
C ARG C 5 0.52 12.92 6.83
N ARG C 6 1.61 12.28 7.25
CA ARG C 6 2.19 11.10 6.54
C ARG C 6 2.90 11.57 5.26
NA NA D . -26.07 37.38 2.67
NA NA E . -23.52 30.69 11.73
#